data_3VNT
#
_entry.id   3VNT
#
_cell.length_a   135.615
_cell.length_b   56.618
_cell.length_c   51.819
_cell.angle_alpha   90.00
_cell.angle_beta   94.88
_cell.angle_gamma   90.00
#
_symmetry.space_group_name_H-M   'C 1 2 1'
#
loop_
_entity.id
_entity.type
_entity.pdbx_description
1 polymer 'Vascular endothelial growth factor receptor 2'
2 non-polymer 2-chloro-3-(1-cyanocyclopropyl)-N-[5-({2-[(cyclopropylcarbonyl)amino][1,3]thiazolo[5,4-b]pyridin-5-yl}oxy)-2-fluorophenyl]benzamide
3 non-polymer 1,2-ETHANEDIOL
4 water water
#
_entity_poly.entity_id   1
_entity_poly.type   'polypeptide(L)'
_entity_poly.pdbx_seq_one_letter_code
;GAMDPDELPLDEHCERLPYDASKWEFPRDRLKLGKPLGRGAFGQVIEADAFGIDKTATCRTVAVKMLKEGATHSEHRALM
SELKILIHIGHHLNVVNLLGACTKPGGPLMVIVEFCKFGNLSTYLRSKRNEFVPYKEAPEDLYKDFLTLEHLICYSFQVA
KGMEFLASRKCIHRDLAARNILLSEKNVVKICDFGLARDIYKDPDYVRKGDARLPLKWMAPETIFDRVYTIQSDVWSFGV
LLWEIFSLGASPYPGVKIDEEFCRRLKEGTRMRAPDYTTPEMYQTMLDCWHGEPSQRPTFSELVEHLGNLLQANAQQD
;
_entity_poly.pdbx_strand_id   A
#
loop_
_chem_comp.id
_chem_comp.type
_chem_comp.name
_chem_comp.formula
0JA non-polymer 2-chloro-3-(1-cyanocyclopropyl)-N-[5-({2-[(cyclopropylcarbonyl)amino][1,3]thiazolo[5,4-b]pyridin-5-yl}oxy)-2-fluorophenyl]benzamide 'C27 H19 Cl F N5 O3 S'
EDO non-polymer 1,2-ETHANEDIOL 'C2 H6 O2'
#
# COMPACT_ATOMS: atom_id res chain seq x y z
N PRO A 9 -18.59 -2.59 1.63
CA PRO A 9 -17.43 -2.23 2.45
C PRO A 9 -17.73 -1.11 3.45
N LEU A 10 -17.27 -1.28 4.69
CA LEU A 10 -17.54 -0.32 5.77
C LEU A 10 -16.72 0.96 5.66
N ASP A 11 -15.72 0.95 4.77
CA ASP A 11 -14.82 2.10 4.61
C ASP A 11 -15.37 3.21 3.71
N GLU A 12 -16.63 3.09 3.32
CA GLU A 12 -17.31 4.12 2.52
C GLU A 12 -18.32 4.93 3.35
N HIS A 13 -18.52 4.50 4.60
CA HIS A 13 -19.41 5.18 5.53
C HIS A 13 -18.72 5.41 6.87
N CYS A 14 -17.51 5.97 6.80
CA CYS A 14 -16.62 6.15 7.94
C CYS A 14 -17.09 7.15 9.00
N GLU A 15 -17.96 8.07 8.60
CA GLU A 15 -18.35 9.18 9.48
C GLU A 15 -19.12 8.72 10.72
N ARG A 16 -19.64 7.49 10.69
CA ARG A 16 -20.41 6.95 11.81
C ARG A 16 -19.59 6.09 12.78
N LEU A 17 -18.29 5.92 12.48
CA LEU A 17 -17.40 5.09 13.30
C LEU A 17 -16.90 5.88 14.52
N PRO A 18 -16.53 5.18 15.61
CA PRO A 18 -16.15 5.89 16.83
C PRO A 18 -14.70 6.33 16.88
N TYR A 19 -14.46 7.46 17.55
CA TYR A 19 -13.12 7.85 17.97
C TYR A 19 -13.06 7.91 19.50
N ASP A 20 -12.41 6.92 20.10
CA ASP A 20 -12.27 6.84 21.55
C ASP A 20 -11.00 7.56 22.01
N ALA A 21 -11.14 8.84 22.36
CA ALA A 21 -9.98 9.66 22.76
C ALA A 21 -9.24 9.09 23.98
N SER A 22 -9.97 8.49 24.92
CA SER A 22 -9.30 7.96 26.11
C SER A 22 -8.27 6.88 25.77
N LYS A 23 -8.48 6.21 24.64
CA LYS A 23 -7.56 5.17 24.19
C LYS A 23 -6.49 5.71 23.24
N TRP A 24 -6.89 6.53 22.28
CA TRP A 24 -6.00 6.89 21.16
C TRP A 24 -5.33 8.26 21.21
N GLU A 25 -5.87 9.18 22.00
CA GLU A 25 -5.38 10.57 22.01
C GLU A 25 -3.98 10.63 22.61
N PHE A 26 -3.07 11.29 21.90
CA PHE A 26 -1.67 11.41 22.32
C PHE A 26 -1.32 12.89 22.44
N PRO A 27 -0.74 13.30 23.59
CA PRO A 27 -0.43 14.74 23.78
C PRO A 27 0.56 15.28 22.76
N ARG A 28 0.22 16.43 22.19
CA ARG A 28 1.07 17.10 21.21
C ARG A 28 2.47 17.34 21.77
N ASP A 29 2.56 17.63 23.06
CA ASP A 29 3.86 17.95 23.66
C ASP A 29 4.78 16.74 23.88
N ARG A 30 4.30 15.55 23.53
CA ARG A 30 5.13 14.34 23.61
C ARG A 30 5.59 13.91 22.23
N LEU A 31 5.32 14.75 21.24
CA LEU A 31 5.63 14.45 19.86
C LEU A 31 6.60 15.52 19.36
N LYS A 32 7.79 15.07 18.98
CA LYS A 32 8.82 15.97 18.43
C LYS A 32 8.88 15.79 16.92
N LEU A 33 8.37 16.78 16.18
CA LEU A 33 8.28 16.67 14.73
C LEU A 33 9.62 16.88 14.03
N GLY A 34 9.90 16.03 13.04
CA GLY A 34 11.14 16.09 12.28
C GLY A 34 10.90 16.39 10.81
N LYS A 35 11.69 15.76 9.95
CA LYS A 35 11.67 16.03 8.51
C LYS A 35 10.48 15.39 7.78
N PRO A 36 10.00 16.05 6.71
CA PRO A 36 8.97 15.40 5.90
C PRO A 36 9.47 14.12 5.22
N LEU A 37 8.58 13.13 5.17
CA LEU A 37 8.81 11.85 4.51
C LEU A 37 8.11 11.80 3.16
N GLY A 38 7.11 12.67 3.00
CA GLY A 38 6.39 12.81 1.73
C GLY A 38 5.41 13.97 1.79
N ARG A 39 5.24 14.68 0.68
CA ARG A 39 4.30 15.80 0.65
C ARG A 39 3.49 15.81 -0.63
N GLY A 40 2.18 16.00 -0.50
CA GLY A 40 1.32 16.17 -1.67
C GLY A 40 0.80 17.58 -1.76
N ALA A 41 -0.34 17.76 -2.43
CA ALA A 41 -0.96 19.08 -2.56
C ALA A 41 -1.60 19.54 -1.24
N PHE A 42 -2.21 18.59 -0.53
CA PHE A 42 -3.02 18.92 0.67
C PHE A 42 -2.55 18.23 1.93
N GLY A 43 -1.72 17.21 1.77
CA GLY A 43 -1.29 16.38 2.90
C GLY A 43 0.21 16.15 2.92
N GLN A 44 0.69 15.64 4.05
CA GLN A 44 2.10 15.31 4.19
C GLN A 44 2.27 14.27 5.27
N VAL A 45 3.38 13.55 5.22
CA VAL A 45 3.76 12.65 6.30
C VAL A 45 5.12 13.12 6.82
N ILE A 46 5.21 13.25 8.13
CA ILE A 46 6.40 13.79 8.80
C ILE A 46 6.97 12.71 9.71
N GLU A 47 8.28 12.59 9.73
CA GLU A 47 8.95 11.74 10.74
C GLU A 47 8.86 12.43 12.08
N ALA A 48 8.61 11.68 13.14
CA ALA A 48 8.58 12.30 14.48
C ALA A 48 9.17 11.38 15.52
N ASP A 49 9.55 11.95 16.67
CA ASP A 49 9.92 11.14 17.83
C ASP A 49 8.80 11.26 18.86
N ALA A 50 8.14 10.14 19.16
CA ALA A 50 7.03 10.14 20.10
C ALA A 50 7.54 9.57 21.40
N PHE A 51 7.29 10.26 22.50
CA PHE A 51 7.74 9.75 23.78
C PHE A 51 6.66 8.93 24.46
N GLY A 52 6.90 7.63 24.60
CA GLY A 52 6.01 6.76 25.34
C GLY A 52 4.68 6.47 24.65
N ILE A 53 4.65 6.50 23.32
CA ILE A 53 3.39 6.25 22.60
C ILE A 53 2.94 4.79 22.68
N ASP A 54 3.88 3.84 22.68
CA ASP A 54 3.50 2.43 22.66
C ASP A 54 4.16 1.58 23.75
N LYS A 55 5.15 2.15 24.42
CA LYS A 55 5.86 1.49 25.52
C LYS A 55 6.23 2.56 26.53
N THR A 56 5.94 2.31 27.79
CA THR A 56 6.17 3.31 28.83
C THR A 56 7.57 3.91 28.72
N ALA A 57 7.63 5.24 28.71
CA ALA A 57 8.89 5.99 28.83
C ALA A 57 9.92 5.69 27.73
N THR A 58 9.45 5.23 26.58
CA THR A 58 10.35 4.85 25.50
C THR A 58 10.17 5.77 24.31
N CYS A 59 11.25 6.38 23.83
CA CYS A 59 11.21 7.15 22.59
C CYS A 59 11.03 6.21 21.40
N ARG A 60 10.19 6.61 20.46
CA ARG A 60 9.94 5.82 19.27
C ARG A 60 9.84 6.72 18.05
N THR A 61 10.56 6.37 16.98
CA THR A 61 10.38 7.03 15.70
C THR A 61 9.02 6.60 15.12
N VAL A 62 8.22 7.59 14.71
CA VAL A 62 6.91 7.34 14.14
C VAL A 62 6.72 8.16 12.85
N ALA A 63 5.65 7.86 12.13
CA ALA A 63 5.29 8.60 10.92
C ALA A 63 3.94 9.27 11.18
N VAL A 64 3.85 10.58 10.94
CA VAL A 64 2.67 11.37 11.27
C VAL A 64 2.07 11.96 10.00
N LYS A 65 0.83 11.57 9.70
CA LYS A 65 0.11 12.18 8.59
C LYS A 65 -0.68 13.40 9.09
N MET A 66 -0.56 14.49 8.35
CA MET A 66 -1.30 15.71 8.70
C MET A 66 -1.50 16.50 7.42
N LEU A 67 -2.27 17.57 7.51
CA LEU A 67 -2.53 18.39 6.33
C LEU A 67 -1.50 19.50 6.17
N LYS A 68 -1.56 20.22 5.05
CA LYS A 68 -0.62 21.29 4.81
C LYS A 68 -1.30 22.43 4.06
N GLU A 69 -0.57 23.51 3.81
CA GLU A 69 -1.14 24.67 3.10
C GLU A 69 -1.83 24.22 1.82
N GLY A 70 -3.08 24.62 1.65
CA GLY A 70 -3.86 24.21 0.48
C GLY A 70 -5.06 23.37 0.87
N ALA A 71 -4.93 22.64 1.97
CA ALA A 71 -6.02 21.81 2.48
C ALA A 71 -7.15 22.71 2.98
N THR A 72 -8.36 22.17 2.95
CA THR A 72 -9.55 22.85 3.43
C THR A 72 -10.25 21.96 4.48
N HIS A 73 -11.40 22.44 5.00
CA HIS A 73 -12.16 21.62 5.95
C HIS A 73 -12.53 20.24 5.38
N SER A 74 -12.69 20.18 4.06
CA SER A 74 -13.01 18.92 3.39
C SER A 74 -11.92 17.86 3.61
N GLU A 75 -10.66 18.25 3.45
CA GLU A 75 -9.53 17.35 3.71
C GLU A 75 -9.40 16.99 5.19
N HIS A 76 -9.75 17.94 6.06
CA HIS A 76 -9.73 17.70 7.50
C HIS A 76 -10.72 16.60 7.86
N ARG A 77 -11.93 16.69 7.31
CA ARG A 77 -12.94 15.63 7.45
C ARG A 77 -12.42 14.29 6.92
N ALA A 78 -11.79 14.30 5.75
CA ALA A 78 -11.24 13.07 5.16
C ALA A 78 -10.20 12.41 6.06
N LEU A 79 -9.36 13.24 6.67
CA LEU A 79 -8.29 12.70 7.53
C LEU A 79 -8.87 12.13 8.82
N MET A 80 -9.91 12.76 9.35
CA MET A 80 -10.60 12.19 10.49
C MET A 80 -11.25 10.85 10.12
N SER A 81 -11.82 10.74 8.93
CA SER A 81 -12.38 9.47 8.50
C SER A 81 -11.31 8.38 8.35
N GLU A 82 -10.13 8.76 7.86
CA GLU A 82 -8.99 7.85 7.82
C GLU A 82 -8.64 7.33 9.21
N LEU A 83 -8.55 8.23 10.18
CA LEU A 83 -8.27 7.86 11.57
C LEU A 83 -9.29 6.84 12.07
N LYS A 84 -10.57 7.12 11.83
CA LYS A 84 -11.65 6.22 12.25
C LYS A 84 -11.55 4.83 11.62
N ILE A 85 -11.22 4.78 10.34
CA ILE A 85 -11.12 3.48 9.66
C ILE A 85 -9.91 2.70 10.20
N LEU A 86 -8.80 3.38 10.49
CA LEU A 86 -7.62 2.70 11.04
C LEU A 86 -7.91 2.09 12.40
N ILE A 87 -8.71 2.79 13.20
CA ILE A 87 -9.11 2.25 14.51
C ILE A 87 -9.97 1.00 14.29
N HIS A 88 -10.93 1.08 13.37
CA HIS A 88 -11.85 -0.02 13.10
C HIS A 88 -11.12 -1.27 12.59
N ILE A 89 -10.16 -1.05 11.69
CA ILE A 89 -9.45 -2.14 11.04
C ILE A 89 -8.67 -2.96 12.07
N GLY A 90 -7.95 -2.27 12.96
CA GLY A 90 -7.16 -2.96 13.99
C GLY A 90 -5.81 -3.42 13.48
N HIS A 91 -5.06 -4.07 14.35
CA HIS A 91 -3.66 -4.38 14.07
C HIS A 91 -3.43 -5.66 13.27
N HIS A 92 -2.48 -5.59 12.32
CA HIS A 92 -1.95 -6.78 11.67
C HIS A 92 -0.49 -6.51 11.37
N LEU A 93 0.34 -7.55 11.43
CA LEU A 93 1.77 -7.39 11.17
C LEU A 93 2.04 -6.72 9.82
N ASN A 94 1.21 -7.01 8.81
CA ASN A 94 1.51 -6.58 7.44
C ASN A 94 0.70 -5.38 6.96
N VAL A 95 0.20 -4.59 7.93
CA VAL A 95 -0.38 -3.28 7.63
C VAL A 95 0.29 -2.28 8.57
N VAL A 96 0.53 -1.05 8.10
CA VAL A 96 1.10 -0.02 9.00
C VAL A 96 0.07 0.22 10.11
N ASN A 97 0.52 0.11 11.35
CA ASN A 97 -0.43 0.20 12.44
C ASN A 97 -0.52 1.54 13.12
N LEU A 98 -1.75 1.92 13.45
CA LEU A 98 -2.04 3.16 14.15
C LEU A 98 -1.50 3.06 15.58
N LEU A 99 -0.82 4.12 16.00
CA LEU A 99 -0.28 4.24 17.35
C LEU A 99 -0.99 5.29 18.20
N GLY A 100 -1.53 6.33 17.57
CA GLY A 100 -2.22 7.37 18.31
C GLY A 100 -2.63 8.50 17.39
N ALA A 101 -3.26 9.50 17.97
CA ALA A 101 -3.68 10.68 17.20
C ALA A 101 -3.69 11.94 18.06
N CYS A 102 -3.50 13.07 17.42
CA CYS A 102 -3.72 14.36 18.09
C CYS A 102 -4.92 15.00 17.41
N THR A 103 -6.01 15.15 18.16
CA THR A 103 -7.27 15.64 17.60
C THR A 103 -7.80 16.86 18.33
N LYS A 104 -7.13 17.25 19.42
CA LYS A 104 -7.56 18.39 20.25
C LYS A 104 -7.53 19.71 19.49
N PRO A 105 -8.51 20.60 19.76
CA PRO A 105 -8.51 21.93 19.11
C PRO A 105 -7.22 22.70 19.41
N GLY A 106 -6.84 23.58 18.48
CA GLY A 106 -5.69 24.46 18.68
C GLY A 106 -4.47 24.03 17.89
N GLY A 107 -4.55 22.83 17.31
CA GLY A 107 -3.49 22.34 16.44
C GLY A 107 -4.05 21.45 15.33
N PRO A 108 -3.18 21.03 14.40
CA PRO A 108 -3.64 20.18 13.28
C PRO A 108 -4.00 18.78 13.71
N LEU A 109 -4.93 18.17 12.98
CA LEU A 109 -5.23 16.76 13.18
C LEU A 109 -3.99 15.98 12.75
N MET A 110 -3.54 15.08 13.62
CA MET A 110 -2.34 14.25 13.33
C MET A 110 -2.64 12.79 13.58
N VAL A 111 -2.33 11.96 12.58
CA VAL A 111 -2.57 10.52 12.64
C VAL A 111 -1.20 9.85 12.70
N ILE A 112 -0.91 9.18 13.81
CA ILE A 112 0.43 8.70 14.12
C ILE A 112 0.48 7.19 13.94
N VAL A 113 1.35 6.72 13.04
CA VAL A 113 1.49 5.30 12.77
C VAL A 113 2.94 4.86 12.84
N GLU A 114 3.15 3.54 12.76
CA GLU A 114 4.50 2.98 12.76
CA GLU A 114 4.49 2.93 12.70
C GLU A 114 5.37 3.56 11.63
N PHE A 115 6.63 3.84 11.95
CA PHE A 115 7.63 4.24 10.94
C PHE A 115 8.31 3.01 10.36
N CYS A 116 8.46 2.97 9.03
CA CYS A 116 9.09 1.83 8.36
C CYS A 116 10.44 2.25 7.79
N LYS A 117 11.50 1.69 8.36
CA LYS A 117 12.88 2.13 8.14
C LYS A 117 13.26 2.31 6.67
N PHE A 118 12.86 1.37 5.82
CA PHE A 118 13.37 1.36 4.44
C PHE A 118 12.46 2.05 3.42
N GLY A 119 11.25 2.40 3.83
CA GLY A 119 10.35 3.15 2.98
C GLY A 119 9.76 2.31 1.88
N ASN A 120 9.36 2.96 0.80
CA ASN A 120 8.56 2.24 -0.20
C ASN A 120 9.32 1.15 -0.94
N LEU A 121 8.60 0.07 -1.20
CA LEU A 121 9.22 -1.14 -1.68
C LEU A 121 9.70 -1.00 -3.11
N SER A 122 8.98 -0.20 -3.91
CA SER A 122 9.40 -0.03 -5.32
C SER A 122 10.78 0.61 -5.39
N THR A 123 10.96 1.70 -4.65
CA THR A 123 12.24 2.40 -4.63
C THR A 123 13.33 1.49 -4.08
N TYR A 124 13.00 0.74 -3.03
CA TYR A 124 13.96 -0.14 -2.39
C TYR A 124 14.43 -1.22 -3.36
N LEU A 125 13.48 -1.91 -3.99
CA LEU A 125 13.84 -2.97 -4.94
C LEU A 125 14.68 -2.44 -6.12
N ARG A 126 14.34 -1.26 -6.62
CA ARG A 126 15.11 -0.65 -7.71
C ARG A 126 16.56 -0.34 -7.30
N SER A 127 16.78 -0.15 -6.00
CA SER A 127 18.13 0.09 -5.45
C SER A 127 18.96 -1.18 -5.30
N LYS A 128 18.31 -2.33 -5.41
CA LYS A 128 18.98 -3.61 -5.19
C LYS A 128 19.29 -4.44 -6.45
N ARG A 129 19.14 -3.87 -7.64
CA ARG A 129 19.40 -4.58 -8.89
C ARG A 129 20.80 -5.19 -8.94
N ASN A 130 21.78 -4.47 -8.40
CA ASN A 130 23.19 -4.90 -8.35
C ASN A 130 23.49 -5.76 -7.12
N GLU A 131 22.46 -6.05 -6.33
CA GLU A 131 22.59 -6.80 -5.07
C GLU A 131 21.47 -7.85 -4.98
N PHE A 132 21.35 -8.64 -6.05
CA PHE A 132 20.36 -9.69 -6.15
C PHE A 132 20.98 -10.95 -6.72
N VAL A 133 20.70 -12.09 -6.09
CA VAL A 133 21.02 -13.41 -6.65
C VAL A 133 19.82 -14.30 -6.40
N PRO A 134 19.43 -15.12 -7.38
CA PRO A 134 18.24 -15.97 -7.17
C PRO A 134 18.32 -16.84 -5.92
N TYR A 135 19.46 -17.49 -5.73
CA TYR A 135 19.72 -18.32 -4.55
C TYR A 135 21.13 -18.03 -4.04
N LYS A 136 21.29 -17.99 -2.72
CA LYS A 136 22.61 -17.84 -2.10
C LYS A 136 23.29 -19.20 -1.97
N TYR A 143 27.65 -12.05 -0.21
CA TYR A 143 26.28 -11.73 -0.60
C TYR A 143 25.39 -11.44 0.62
N LYS A 144 26.01 -10.92 1.68
CA LYS A 144 25.34 -10.73 2.97
C LYS A 144 24.00 -10.01 2.88
N ASP A 145 23.98 -8.84 2.24
CA ASP A 145 22.78 -8.02 2.17
C ASP A 145 22.04 -8.16 0.83
N PHE A 146 22.33 -9.23 0.08
CA PHE A 146 21.67 -9.45 -1.21
C PHE A 146 20.23 -9.90 -1.05
N LEU A 147 19.38 -9.44 -1.97
CA LEU A 147 18.04 -10.00 -2.10
C LEU A 147 18.14 -11.30 -2.87
N THR A 148 17.16 -12.16 -2.66
CA THR A 148 17.08 -13.46 -3.30
C THR A 148 15.62 -13.74 -3.67
N LEU A 149 15.41 -14.78 -4.47
CA LEU A 149 14.04 -15.21 -4.79
C LEU A 149 13.21 -15.40 -3.53
N GLU A 150 13.83 -15.97 -2.49
CA GLU A 150 13.13 -16.19 -1.23
C GLU A 150 12.58 -14.87 -0.67
N HIS A 151 13.38 -13.80 -0.72
CA HIS A 151 12.91 -12.49 -0.25
C HIS A 151 11.70 -12.03 -1.04
N LEU A 152 11.74 -12.18 -2.35
CA LEU A 152 10.68 -11.65 -3.22
C LEU A 152 9.37 -12.42 -3.02
N ILE A 153 9.47 -13.75 -2.93
CA ILE A 153 8.28 -14.55 -2.65
C ILE A 153 7.76 -14.24 -1.23
N CYS A 154 8.69 -14.05 -0.29
CA CYS A 154 8.31 -13.71 1.08
C CYS A 154 7.54 -12.36 1.15
N TYR A 155 8.04 -11.33 0.47
CA TYR A 155 7.31 -10.04 0.43
C TYR A 155 5.91 -10.22 -0.16
N SER A 156 5.82 -11.05 -1.19
CA SER A 156 4.56 -11.31 -1.88
C SER A 156 3.56 -11.96 -0.94
N PHE A 157 4.04 -12.98 -0.23
CA PHE A 157 3.25 -13.72 0.78
C PHE A 157 2.75 -12.75 1.85
N GLN A 158 3.64 -11.90 2.35
CA GLN A 158 3.27 -10.93 3.41
C GLN A 158 2.19 -9.96 2.96
N VAL A 159 2.33 -9.44 1.74
CA VAL A 159 1.30 -8.51 1.24
C VAL A 159 -0.03 -9.26 1.08
N ALA A 160 0.01 -10.50 0.60
CA ALA A 160 -1.21 -11.31 0.52
C ALA A 160 -1.87 -11.50 1.90
N LYS A 161 -1.06 -11.76 2.93
CA LYS A 161 -1.57 -11.90 4.30
C LYS A 161 -2.22 -10.59 4.77
N GLY A 162 -1.57 -9.46 4.49
CA GLY A 162 -2.13 -8.15 4.87
C GLY A 162 -3.45 -7.87 4.17
N MET A 163 -3.50 -8.19 2.87
CA MET A 163 -4.74 -7.99 2.12
C MET A 163 -5.86 -8.95 2.55
N GLU A 164 -5.51 -10.19 2.88
CA GLU A 164 -6.51 -11.13 3.39
C GLU A 164 -7.09 -10.55 4.68
N PHE A 165 -6.22 -9.96 5.49
CA PHE A 165 -6.65 -9.34 6.73
C PHE A 165 -7.59 -8.16 6.46
N LEU A 166 -7.19 -7.27 5.57
CA LEU A 166 -8.04 -6.11 5.23
C LEU A 166 -9.40 -6.56 4.73
N ALA A 167 -9.42 -7.54 3.83
CA ALA A 167 -10.68 -8.09 3.32
C ALA A 167 -11.57 -8.62 4.46
N SER A 168 -10.96 -9.24 5.46
CA SER A 168 -11.69 -9.77 6.63
C SER A 168 -12.36 -8.67 7.46
N ARG A 169 -11.83 -7.46 7.32
CA ARG A 169 -12.32 -6.30 8.05
C ARG A 169 -13.35 -5.52 7.21
N LYS A 170 -13.70 -6.08 6.05
CA LYS A 170 -14.65 -5.49 5.10
C LYS A 170 -14.12 -4.19 4.51
N CYS A 171 -12.81 -4.11 4.35
N CYS A 171 -12.80 -4.13 4.38
CA CYS A 171 -12.20 -2.92 3.77
CA CYS A 171 -12.08 -2.99 3.82
C CYS A 171 -11.47 -3.26 2.49
C CYS A 171 -11.69 -3.34 2.38
N ILE A 172 -11.51 -2.31 1.56
CA ILE A 172 -10.88 -2.46 0.26
C ILE A 172 -9.84 -1.35 0.14
N HIS A 173 -8.69 -1.64 -0.47
CA HIS A 173 -7.59 -0.69 -0.49
C HIS A 173 -7.76 0.42 -1.55
N ARG A 174 -8.03 0.02 -2.79
CA ARG A 174 -8.23 0.92 -3.95
C ARG A 174 -6.98 1.55 -4.56
N ASP A 175 -5.83 1.39 -3.92
CA ASP A 175 -4.57 1.91 -4.51
C ASP A 175 -3.40 1.00 -4.16
N LEU A 176 -3.62 -0.30 -4.29
CA LEU A 176 -2.56 -1.27 -4.02
C LEU A 176 -1.49 -1.22 -5.11
N ALA A 177 -0.24 -1.10 -4.70
CA ALA A 177 0.89 -0.91 -5.62
C ALA A 177 2.14 -0.92 -4.75
N ALA A 178 3.29 -1.19 -5.36
CA ALA A 178 4.54 -1.28 -4.61
C ALA A 178 4.92 0.04 -3.91
N ARG A 179 4.52 1.18 -4.48
CA ARG A 179 4.74 2.48 -3.83
C ARG A 179 3.96 2.61 -2.51
N ASN A 180 2.94 1.78 -2.34
CA ASN A 180 2.15 1.74 -1.10
C ASN A 180 2.44 0.52 -0.23
N ILE A 181 3.60 -0.08 -0.45
CA ILE A 181 4.12 -1.12 0.44
C ILE A 181 5.40 -0.61 1.04
N LEU A 182 5.52 -0.69 2.37
CA LEU A 182 6.71 -0.17 3.04
C LEU A 182 7.50 -1.30 3.65
N LEU A 183 8.82 -1.16 3.61
CA LEU A 183 9.71 -2.17 4.14
C LEU A 183 10.27 -1.72 5.48
N SER A 184 10.08 -2.58 6.49
CA SER A 184 10.59 -2.34 7.82
CA SER A 184 10.55 -2.36 7.84
C SER A 184 11.80 -3.22 8.11
N GLU A 185 12.24 -3.26 9.36
CA GLU A 185 13.36 -4.11 9.76
C GLU A 185 12.96 -5.58 9.61
N LYS A 186 13.97 -6.45 9.47
CA LYS A 186 13.76 -7.90 9.49
C LYS A 186 12.87 -8.39 8.35
N ASN A 187 12.97 -7.71 7.22
CA ASN A 187 12.25 -8.05 5.99
C ASN A 187 10.73 -8.12 6.16
N VAL A 188 10.21 -7.36 7.10
CA VAL A 188 8.77 -7.25 7.26
C VAL A 188 8.23 -6.15 6.34
N VAL A 189 7.22 -6.47 5.55
CA VAL A 189 6.60 -5.44 4.69
C VAL A 189 5.19 -5.10 5.18
N LYS A 190 4.81 -3.86 4.98
CA LYS A 190 3.55 -3.37 5.53
C LYS A 190 2.79 -2.58 4.48
N ILE A 191 1.51 -2.90 4.32
CA ILE A 191 0.65 -2.15 3.41
C ILE A 191 0.35 -0.80 4.02
N CYS A 192 0.45 0.24 3.20
CA CYS A 192 -0.01 1.56 3.64
C CYS A 192 -0.87 2.24 2.57
N ASP A 193 -1.32 3.46 2.87
CA ASP A 193 -1.96 4.31 1.87
C ASP A 193 -1.50 5.74 2.14
N PHE A 194 -0.58 6.23 1.31
CA PHE A 194 0.02 7.52 1.50
C PHE A 194 -1.05 8.60 1.27
N GLY A 195 -1.97 8.32 0.35
CA GLY A 195 -3.14 9.17 0.14
C GLY A 195 -2.78 10.59 -0.21
N LEU A 196 -3.25 11.53 0.60
CA LEU A 196 -3.02 12.96 0.38
C LEU A 196 -1.57 13.42 0.49
N ALA A 197 -0.73 12.56 1.08
CA ALA A 197 0.69 12.89 1.26
C ALA A 197 1.49 12.62 -0.01
N ARG A 198 0.82 12.12 -1.04
CA ARG A 198 1.44 11.91 -2.34
C ARG A 198 0.98 12.99 -3.30
N ASP A 199 1.93 13.56 -4.03
CA ASP A 199 1.64 14.54 -5.06
C ASP A 199 1.22 13.83 -6.36
N ILE A 200 -0.08 13.56 -6.48
CA ILE A 200 -0.58 12.76 -7.59
C ILE A 200 -0.58 13.52 -8.92
N TYR A 201 -0.43 14.83 -8.86
CA TYR A 201 -0.23 15.63 -10.07
C TYR A 201 1.15 15.37 -10.65
N LYS A 202 2.18 15.48 -9.81
CA LYS A 202 3.55 15.30 -10.25
C LYS A 202 3.91 13.83 -10.51
N ASP A 203 3.21 12.92 -9.83
CA ASP A 203 3.52 11.49 -9.90
C ASP A 203 3.01 10.88 -11.21
N PRO A 204 3.93 10.34 -12.04
CA PRO A 204 3.49 9.82 -13.33
C PRO A 204 2.64 8.54 -13.23
N ASP A 205 2.59 7.93 -12.05
CA ASP A 205 1.78 6.74 -11.82
C ASP A 205 0.28 7.06 -11.83
N TYR A 206 -0.04 8.35 -11.71
CA TYR A 206 -1.43 8.78 -11.65
C TYR A 206 -1.74 9.61 -12.90
N VAL A 207 -2.66 9.09 -13.70
CA VAL A 207 -2.94 9.62 -15.04
C VAL A 207 -4.27 10.35 -15.00
N ARG A 208 -4.36 11.50 -15.67
CA ARG A 208 -5.62 12.23 -15.70
C ARG A 208 -6.69 11.42 -16.44
N LYS A 209 -7.81 11.24 -15.77
CA LYS A 209 -8.96 10.53 -16.34
C LYS A 209 -10.20 11.32 -15.92
N GLY A 210 -10.63 12.22 -16.80
CA GLY A 210 -11.73 13.12 -16.51
C GLY A 210 -11.32 14.16 -15.50
N ASP A 211 -11.99 14.13 -14.35
CA ASP A 211 -11.76 15.09 -13.28
C ASP A 211 -11.02 14.44 -12.10
N ALA A 212 -10.20 13.44 -12.41
CA ALA A 212 -9.43 12.72 -11.38
C ALA A 212 -8.06 12.31 -11.92
N ARG A 213 -7.14 12.01 -11.00
CA ARG A 213 -5.84 11.48 -11.34
C ARG A 213 -5.77 10.08 -10.75
N LEU A 214 -5.76 9.07 -11.61
CA LEU A 214 -5.94 7.67 -11.16
C LEU A 214 -4.78 6.76 -11.54
N PRO A 215 -4.51 5.74 -10.70
CA PRO A 215 -3.41 4.82 -10.97
C PRO A 215 -3.78 3.77 -12.03
N LEU A 216 -3.95 4.22 -13.27
CA LEU A 216 -4.53 3.39 -14.32
C LEU A 216 -3.81 2.07 -14.56
N LYS A 217 -2.48 2.08 -14.49
CA LYS A 217 -1.72 0.84 -14.73
C LYS A 217 -1.95 -0.25 -13.69
N TRP A 218 -2.59 0.10 -12.57
CA TRP A 218 -2.85 -0.84 -11.48
C TRP A 218 -4.31 -1.25 -11.38
N MET A 219 -5.14 -0.65 -12.22
CA MET A 219 -6.58 -0.79 -12.10
C MET A 219 -7.18 -1.90 -12.96
N ALA A 220 -8.13 -2.63 -12.38
CA ALA A 220 -8.86 -3.67 -13.11
C ALA A 220 -9.75 -3.06 -14.20
N PRO A 221 -10.02 -3.79 -15.29
CA PRO A 221 -10.89 -3.25 -16.35
C PRO A 221 -12.23 -2.74 -15.83
N GLU A 222 -12.85 -3.46 -14.90
CA GLU A 222 -14.17 -3.04 -14.40
C GLU A 222 -14.08 -1.75 -13.60
N THR A 223 -12.90 -1.46 -13.06
CA THR A 223 -12.69 -0.21 -12.34
C THR A 223 -12.51 0.93 -13.33
N ILE A 224 -11.70 0.68 -14.36
CA ILE A 224 -11.47 1.68 -15.39
C ILE A 224 -12.78 2.04 -16.12
N PHE A 225 -13.54 1.01 -16.53
CA PHE A 225 -14.71 1.20 -17.39
C PHE A 225 -16.01 1.42 -16.64
N ASP A 226 -16.14 0.82 -15.46
CA ASP A 226 -17.41 0.88 -14.73
C ASP A 226 -17.29 1.56 -13.37
N ARG A 227 -16.07 1.98 -13.02
CA ARG A 227 -15.79 2.63 -11.73
C ARG A 227 -16.18 1.74 -10.54
N VAL A 228 -16.06 0.43 -10.73
CA VAL A 228 -16.39 -0.56 -9.72
C VAL A 228 -15.13 -0.93 -8.95
N TYR A 229 -15.16 -0.73 -7.63
CA TYR A 229 -14.07 -1.13 -6.75
C TYR A 229 -14.56 -2.22 -5.80
N THR A 230 -13.86 -3.34 -5.80
CA THR A 230 -14.18 -4.45 -4.92
C THR A 230 -12.88 -5.09 -4.46
N ILE A 231 -13.00 -6.03 -3.54
CA ILE A 231 -11.82 -6.79 -3.13
C ILE A 231 -11.20 -7.51 -4.33
N GLN A 232 -12.01 -7.90 -5.31
N GLN A 232 -12.04 -7.88 -5.29
CA GLN A 232 -11.45 -8.60 -6.48
CA GLN A 232 -11.61 -8.56 -6.52
C GLN A 232 -10.78 -7.68 -7.50
C GLN A 232 -10.75 -7.66 -7.40
N SER A 233 -11.08 -6.37 -7.46
CA SER A 233 -10.26 -5.40 -8.20
C SER A 233 -8.92 -5.18 -7.47
N ASP A 234 -8.93 -5.26 -6.14
CA ASP A 234 -7.68 -5.27 -5.36
C ASP A 234 -6.79 -6.46 -5.75
N VAL A 235 -7.41 -7.62 -6.01
CA VAL A 235 -6.64 -8.78 -6.46
C VAL A 235 -5.94 -8.50 -7.80
N TRP A 236 -6.64 -7.87 -8.74
CA TRP A 236 -5.99 -7.43 -9.98
C TRP A 236 -4.76 -6.58 -9.66
N SER A 237 -4.92 -5.60 -8.77
CA SER A 237 -3.82 -4.68 -8.43
C SER A 237 -2.69 -5.47 -7.78
N PHE A 238 -3.05 -6.49 -7.00
CA PHE A 238 -2.05 -7.36 -6.38
C PHE A 238 -1.22 -8.08 -7.44
N GLY A 239 -1.86 -8.46 -8.55
CA GLY A 239 -1.13 -9.05 -9.68
C GLY A 239 -0.10 -8.10 -10.26
N VAL A 240 -0.48 -6.81 -10.36
CA VAL A 240 0.46 -5.81 -10.86
C VAL A 240 1.60 -5.61 -9.86
N LEU A 241 1.28 -5.59 -8.56
CA LEU A 241 2.30 -5.51 -7.51
C LEU A 241 3.28 -6.69 -7.60
N LEU A 242 2.76 -7.90 -7.82
CA LEU A 242 3.65 -9.06 -8.04
C LEU A 242 4.63 -8.79 -9.19
N TRP A 243 4.12 -8.22 -10.28
CA TRP A 243 5.00 -7.91 -11.42
C TRP A 243 6.07 -6.91 -11.01
N GLU A 244 5.67 -5.89 -10.25
CA GLU A 244 6.61 -4.90 -9.71
C GLU A 244 7.70 -5.58 -8.85
N ILE A 245 7.28 -6.50 -7.98
CA ILE A 245 8.25 -7.18 -7.11
C ILE A 245 9.23 -7.99 -7.96
N PHE A 246 8.71 -8.75 -8.91
CA PHE A 246 9.55 -9.68 -9.69
C PHE A 246 10.24 -9.04 -10.91
N SER A 247 10.10 -7.71 -11.01
CA SER A 247 10.89 -6.88 -11.91
C SER A 247 11.90 -6.04 -11.12
N LEU A 248 11.95 -6.27 -9.80
CA LEU A 248 12.71 -5.44 -8.87
C LEU A 248 12.40 -3.96 -9.07
N GLY A 249 11.11 -3.64 -8.95
CA GLY A 249 10.70 -2.24 -8.91
C GLY A 249 10.60 -1.50 -10.23
N ALA A 250 10.47 -2.23 -11.33
CA ALA A 250 10.22 -1.61 -12.64
C ALA A 250 8.83 -1.00 -12.70
N SER A 251 8.64 -0.07 -13.65
CA SER A 251 7.32 0.51 -13.88
C SER A 251 6.52 -0.39 -14.82
N PRO A 252 5.28 -0.73 -14.46
CA PRO A 252 4.43 -1.60 -15.29
C PRO A 252 4.20 -1.10 -16.71
N TYR A 253 3.89 -2.04 -17.61
CA TYR A 253 3.64 -1.75 -19.03
C TYR A 253 4.73 -0.87 -19.65
N PRO A 254 5.98 -1.40 -19.67
CA PRO A 254 7.15 -0.64 -20.12
C PRO A 254 6.99 -0.11 -21.55
N GLY A 255 7.20 1.19 -21.71
CA GLY A 255 7.10 1.85 -23.02
C GLY A 255 5.70 2.04 -23.58
N VAL A 256 4.65 1.66 -22.83
CA VAL A 256 3.28 1.75 -23.32
C VAL A 256 2.60 3.06 -22.95
N LYS A 257 2.02 3.74 -23.94
CA LYS A 257 1.21 4.93 -23.68
C LYS A 257 -0.10 4.55 -22.99
N ILE A 258 -0.39 5.19 -21.86
CA ILE A 258 -1.58 4.86 -21.08
C ILE A 258 -2.74 5.75 -21.53
N ASP A 259 -3.41 5.31 -22.60
CA ASP A 259 -4.50 6.05 -23.23
C ASP A 259 -5.73 5.16 -23.42
N GLU A 260 -6.64 5.58 -24.29
CA GLU A 260 -7.85 4.82 -24.57
C GLU A 260 -7.56 3.46 -25.23
N GLU A 261 -6.52 3.42 -26.05
CA GLU A 261 -6.08 2.18 -26.69
C GLU A 261 -5.51 1.18 -25.68
N PHE A 262 -4.75 1.68 -24.71
CA PHE A 262 -4.28 0.85 -23.62
C PHE A 262 -5.47 0.18 -22.93
N CYS A 263 -6.48 0.97 -22.59
CA CYS A 263 -7.64 0.46 -21.84
C CYS A 263 -8.44 -0.56 -22.64
N ARG A 264 -8.57 -0.32 -23.94
CA ARG A 264 -9.29 -1.25 -24.83
C ARG A 264 -8.58 -2.59 -24.94
N ARG A 265 -7.27 -2.57 -25.21
CA ARG A 265 -6.47 -3.79 -25.32
C ARG A 265 -6.51 -4.60 -24.03
N LEU A 266 -6.51 -3.89 -22.91
CA LEU A 266 -6.59 -4.53 -21.60
C LEU A 266 -7.91 -5.26 -21.45
N LYS A 267 -9.00 -4.56 -21.76
CA LYS A 267 -10.34 -5.16 -21.76
C LYS A 267 -10.38 -6.35 -22.73
N GLU A 268 -9.67 -6.24 -23.85
CA GLU A 268 -9.60 -7.30 -24.85
C GLU A 268 -8.83 -8.55 -24.41
N GLY A 269 -7.93 -8.39 -23.43
CA GLY A 269 -7.21 -9.53 -22.87
C GLY A 269 -5.70 -9.46 -22.92
N THR A 270 -5.16 -8.32 -23.36
CA THR A 270 -3.71 -8.11 -23.42
C THR A 270 -3.12 -8.01 -22.01
N ARG A 271 -2.01 -8.72 -21.78
CA ARG A 271 -1.35 -8.73 -20.47
C ARG A 271 0.15 -8.48 -20.55
N MET A 272 0.76 -8.08 -19.43
CA MET A 272 2.21 -7.91 -19.39
C MET A 272 2.91 -9.24 -19.58
N ARG A 273 4.10 -9.19 -20.20
CA ARG A 273 5.00 -10.34 -20.30
C ARG A 273 5.67 -10.57 -18.96
N ALA A 274 6.27 -11.75 -18.80
CA ALA A 274 6.94 -12.12 -17.54
C ALA A 274 8.13 -11.21 -17.24
N PRO A 275 8.23 -10.73 -15.99
CA PRO A 275 9.36 -9.87 -15.63
C PRO A 275 10.64 -10.68 -15.39
N ASP A 276 11.77 -9.98 -15.29
CA ASP A 276 13.09 -10.60 -15.38
C ASP A 276 13.43 -11.61 -14.29
N TYR A 277 12.81 -11.44 -13.11
CA TYR A 277 13.22 -12.23 -11.93
C TYR A 277 12.18 -13.26 -11.51
N THR A 278 11.12 -13.39 -12.30
CA THR A 278 10.02 -14.26 -11.95
C THR A 278 10.34 -15.75 -12.08
N THR A 279 9.60 -16.56 -11.34
CA THR A 279 9.55 -18.01 -11.59
C THR A 279 8.30 -18.27 -12.47
N PRO A 280 8.25 -19.43 -13.14
CA PRO A 280 7.03 -19.72 -13.93
C PRO A 280 5.75 -19.71 -13.12
N GLU A 281 5.80 -20.24 -11.89
CA GLU A 281 4.60 -20.32 -11.06
C GLU A 281 4.14 -18.92 -10.65
N MET A 282 5.09 -18.04 -10.34
N MET A 282 5.10 -18.05 -10.33
CA MET A 282 4.75 -16.67 -9.97
CA MET A 282 4.80 -16.67 -9.98
C MET A 282 4.13 -15.91 -11.14
C MET A 282 4.14 -15.92 -11.13
N TYR A 283 4.65 -16.12 -12.35
CA TYR A 283 4.06 -15.47 -13.51
C TYR A 283 2.63 -15.97 -13.77
N GLN A 284 2.39 -17.27 -13.59
CA GLN A 284 1.03 -17.80 -13.72
C GLN A 284 0.11 -17.19 -12.67
N THR A 285 0.65 -16.94 -11.47
CA THR A 285 -0.13 -16.31 -10.41
C THR A 285 -0.53 -14.90 -10.84
N MET A 286 0.38 -14.16 -11.46
CA MET A 286 0.02 -12.84 -11.99
C MET A 286 -1.12 -12.94 -12.99
N LEU A 287 -0.99 -13.87 -13.94
CA LEU A 287 -2.04 -14.06 -14.94
C LEU A 287 -3.39 -14.41 -14.31
N ASP A 288 -3.37 -15.22 -13.25
CA ASP A 288 -4.59 -15.58 -12.52
C ASP A 288 -5.24 -14.36 -11.89
N CYS A 289 -4.43 -13.49 -11.29
CA CYS A 289 -4.93 -12.23 -10.72
C CYS A 289 -5.51 -11.29 -11.78
N TRP A 290 -5.05 -11.45 -13.03
CA TRP A 290 -5.48 -10.59 -14.12
C TRP A 290 -6.59 -11.22 -14.97
N HIS A 291 -7.32 -12.17 -14.40
CA HIS A 291 -8.45 -12.74 -15.11
C HIS A 291 -9.46 -11.63 -15.41
N GLY A 292 -10.01 -11.65 -16.63
CA GLY A 292 -11.01 -10.65 -17.03
C GLY A 292 -12.25 -10.66 -16.16
N GLU A 293 -12.62 -11.85 -15.66
CA GLU A 293 -13.78 -12.01 -14.79
C GLU A 293 -13.36 -11.90 -13.33
N PRO A 294 -13.82 -10.85 -12.62
CA PRO A 294 -13.47 -10.67 -11.20
C PRO A 294 -13.69 -11.91 -10.34
N SER A 295 -14.83 -12.58 -10.52
CA SER A 295 -15.17 -13.77 -9.74
C SER A 295 -14.24 -14.96 -10.00
N GLN A 296 -13.51 -14.91 -11.12
CA GLN A 296 -12.60 -16.00 -11.47
C GLN A 296 -11.15 -15.74 -11.03
N ARG A 297 -10.89 -14.55 -10.50
CA ARG A 297 -9.59 -14.26 -9.88
C ARG A 297 -9.51 -15.01 -8.55
N PRO A 298 -8.29 -15.40 -8.12
CA PRO A 298 -8.18 -16.03 -6.79
C PRO A 298 -8.59 -15.05 -5.70
N THR A 299 -8.96 -15.56 -4.54
CA THR A 299 -9.21 -14.71 -3.38
C THR A 299 -7.88 -14.50 -2.68
N PHE A 300 -7.79 -13.50 -1.79
CA PHE A 300 -6.55 -13.30 -1.05
C PHE A 300 -6.23 -14.51 -0.15
N SER A 301 -7.25 -15.15 0.41
CA SER A 301 -7.04 -16.40 1.18
C SER A 301 -6.37 -17.49 0.34
N GLU A 302 -6.79 -17.58 -0.92
CA GLU A 302 -6.25 -18.58 -1.83
C GLU A 302 -4.84 -18.20 -2.23
N LEU A 303 -4.59 -16.91 -2.41
CA LEU A 303 -3.24 -16.42 -2.71
C LEU A 303 -2.28 -16.68 -1.55
N VAL A 304 -2.75 -16.50 -0.32
CA VAL A 304 -1.95 -16.77 0.87
C VAL A 304 -1.50 -18.24 0.88
N GLU A 305 -2.47 -19.15 0.69
CA GLU A 305 -2.18 -20.58 0.62
C GLU A 305 -1.16 -20.87 -0.47
N HIS A 306 -1.42 -20.35 -1.66
CA HIS A 306 -0.57 -20.62 -2.83
C HIS A 306 0.85 -20.08 -2.66
N LEU A 307 0.97 -18.83 -2.24
CA LEU A 307 2.29 -18.22 -2.05
C LEU A 307 3.07 -18.90 -0.92
N GLY A 308 2.36 -19.31 0.14
CA GLY A 308 2.99 -20.11 1.20
C GLY A 308 3.59 -21.39 0.65
N ASN A 309 2.85 -22.07 -0.24
CA ASN A 309 3.36 -23.27 -0.91
C ASN A 309 4.57 -22.96 -1.79
N LEU A 310 4.53 -21.84 -2.52
CA LEU A 310 5.69 -21.47 -3.37
C LEU A 310 6.92 -21.13 -2.55
N LEU A 311 6.70 -20.58 -1.36
CA LEU A 311 7.79 -20.24 -0.46
C LEU A 311 8.48 -21.50 0.04
N GLN A 312 7.66 -22.52 0.34
CA GLN A 312 8.18 -23.84 0.71
C GLN A 312 8.87 -24.55 -0.44
N ALA A 313 8.28 -24.49 -1.62
CA ALA A 313 8.89 -25.09 -2.81
C ALA A 313 10.22 -24.43 -3.11
N ASN A 314 10.33 -23.14 -2.82
CA ASN A 314 11.59 -22.41 -2.99
C ASN A 314 12.69 -22.96 -2.07
N ALA A 315 12.31 -23.29 -0.83
CA ALA A 315 13.22 -23.92 0.13
C ALA A 315 13.38 -25.39 -0.16
F1 0JA B . -2.06 7.31 8.95
C2 0JA B . -0.94 7.26 8.20
C3 0JA B . 0.19 7.96 8.58
C4 0JA B . 1.32 7.91 7.81
C5 0JA B . 1.33 7.16 6.66
O6 0JA B . 2.46 7.13 5.84
C7 0JA B . 3.64 6.53 6.22
C8 0JA B . 3.70 5.60 7.22
C9 0JA B . 4.92 5.04 7.55
C10 0JA B . 6.02 5.46 6.82
N11 0JA B . 7.32 5.03 6.95
C12 0JA B . 8.09 5.65 6.07
N13 0JA B . 9.45 5.43 5.97
C14 0JA B . 10.27 6.16 5.16
O15 0JA B . 9.93 7.07 4.40
C16 0JA B . 11.68 5.76 5.27
C17 0JA B . 12.56 5.87 4.06
C18 0JA B . 12.78 6.78 5.23
S19 0JA B . 7.30 6.77 5.01
C20 0JA B . 5.83 6.40 5.81
N21 0JA B . 4.67 6.95 5.48
C22 0JA B . 0.21 6.45 6.28
C23 0JA B . -0.93 6.50 7.06
N24 0JA B . -2.13 5.84 6.76
C25 0JA B . -2.16 4.66 6.05
O26 0JA B . -1.18 4.10 5.59
C27 0JA B . -3.50 4.13 5.69
C28 0JA B . -4.44 5.03 5.25
C29 0JA B . -5.68 4.56 4.86
C30 0JA B . -5.96 3.21 4.91
C31 0JA B . -5.02 2.30 5.35
C32 0JA B . -3.78 2.79 5.74
CL3 0JA B . -2.60 1.65 6.31
C34 0JA B . -5.35 0.85 5.39
C35 0JA B . -6.24 0.32 4.29
C36 0JA B . -4.77 0.04 4.26
C37 0JA B . -5.45 0.16 6.62
N38 0JA B . -5.53 -0.39 7.64
C1 EDO C . 8.78 6.72 1.36
O1 EDO C . 9.73 5.78 0.83
C2 EDO C . 7.87 7.23 0.25
O2 EDO C . 6.52 7.14 0.73
C1 EDO D . -10.85 -13.06 0.40
O1 EDO D . -9.71 -13.53 1.13
C2 EDO D . -10.56 -11.74 -0.30
O2 EDO D . -10.10 -11.94 -1.64
C1 EDO E . 10.68 -6.36 -16.29
O1 EDO E . 11.54 -7.19 -15.49
C2 EDO E . 11.28 -6.14 -17.68
O2 EDO E . 11.46 -7.40 -18.31
#